data_7XHG
#
_entry.id   7XHG
#
_cell.length_a   41.669
_cell.length_b   171.761
_cell.length_c   42.968
_cell.angle_alpha   90.000
_cell.angle_beta   99.820
_cell.angle_gamma   90.000
#
_symmetry.space_group_name_H-M   'P 1 21 1'
#
loop_
_entity.id
_entity.type
_entity.pdbx_description
1 polymer 'Ras GTPase-activating protein-binding protein 1'
2 polymer Caprin-1(369-378)
3 water water
#
loop_
_entity_poly.entity_id
_entity_poly.type
_entity_poly.pdbx_seq_one_letter_code
_entity_poly.pdbx_strand_id
1 'polypeptide(L)'
;MVMEKPSPLLVGREFVRQYYTLLNQAPDMLHRFYGKNSSYVHGGLDSNGKPADAVYGQKEIHRKVMSQNFTNCHTKIRHV
DAHATLNDGVVVQVMGLLSNNNQALRRFMQTFVLAPEGSVANKFYVHNDIFRYQDEVFG
;
A,B,C,D
2 'polypeptide(L)' PYNFIQDSML F,G,E
#
# COMPACT_ATOMS: atom_id res chain seq x y z
N PRO A 6 -18.46 2.63 -6.72
CA PRO A 6 -19.18 2.81 -7.99
C PRO A 6 -19.63 4.22 -8.15
N SER A 7 -19.82 4.94 -7.07
CA SER A 7 -20.17 6.33 -7.18
C SER A 7 -18.88 7.08 -7.40
N PRO A 8 -18.91 8.09 -8.22
CA PRO A 8 -17.67 8.81 -8.52
C PRO A 8 -16.95 9.39 -7.30
N LEU A 9 -17.69 10.00 -6.38
CA LEU A 9 -17.07 10.49 -5.13
C LEU A 9 -16.45 9.37 -4.29
N LEU A 10 -17.09 8.20 -4.22
CA LEU A 10 -16.52 7.06 -3.48
C LEU A 10 -15.26 6.56 -4.22
N VAL A 11 -15.33 6.47 -5.55
CA VAL A 11 -14.15 6.10 -6.34
C VAL A 11 -12.99 7.08 -6.04
N GLY A 12 -13.26 8.38 -6.19
CA GLY A 12 -12.29 9.45 -5.92
C GLY A 12 -11.68 9.45 -4.53
N ARG A 13 -12.51 9.42 -3.49
CA ARG A 13 -12.02 9.41 -2.11
C ARG A 13 -11.15 8.17 -1.86
N GLU A 14 -11.59 7.01 -2.35
CA GLU A 14 -10.87 5.74 -2.19
C GLU A 14 -9.47 5.82 -2.81
N PHE A 15 -9.39 6.36 -4.02
CA PHE A 15 -8.13 6.49 -4.73
C PHE A 15 -7.18 7.48 -4.05
N VAL A 16 -7.70 8.63 -3.64
CA VAL A 16 -6.89 9.67 -2.97
C VAL A 16 -6.27 9.12 -1.67
N ARG A 17 -7.05 8.39 -0.90
CA ARG A 17 -6.54 7.69 0.29
C ARG A 17 -5.37 6.74 -0.06
N GLN A 18 -5.54 5.89 -1.09
CA GLN A 18 -4.50 4.92 -1.54
C GLN A 18 -3.27 5.63 -2.07
N TYR A 19 -3.51 6.57 -2.97
CA TYR A 19 -2.45 7.31 -3.61
C TYR A 19 -1.50 8.01 -2.62
N TYR A 20 -2.02 8.89 -1.78
N TYR A 20 -2.01 8.89 -1.78
CA TYR A 20 -1.09 9.65 -0.91
CA TYR A 20 -1.09 9.65 -0.91
C TYR A 20 -0.43 8.81 0.19
C TYR A 20 -0.43 8.82 0.20
N THR A 21 -1.08 7.73 0.60
CA THR A 21 -0.52 6.75 1.54
C THR A 21 0.63 5.91 0.95
N LEU A 22 0.50 5.59 -0.33
CA LEU A 22 1.46 4.72 -1.02
C LEU A 22 2.68 5.54 -1.40
N LEU A 23 2.45 6.83 -1.61
CA LEU A 23 3.46 7.81 -1.81
C LEU A 23 4.31 8.00 -0.55
N ASN A 24 3.68 7.73 0.60
CA ASN A 24 4.38 7.62 1.88
C ASN A 24 5.09 6.29 2.09
N GLN A 25 4.41 5.16 1.84
CA GLN A 25 4.97 3.88 2.33
C GLN A 25 5.81 3.17 1.32
N ALA A 26 5.48 3.32 0.05
CA ALA A 26 6.13 2.56 -1.00
C ALA A 26 5.97 3.29 -2.32
N PRO A 27 6.67 4.42 -2.48
CA PRO A 27 6.52 5.16 -3.72
C PRO A 27 6.77 4.26 -4.94
N ASP A 28 7.67 3.28 -4.80
CA ASP A 28 7.92 2.29 -5.88
C ASP A 28 6.73 1.42 -6.33
N MET A 29 5.55 1.60 -5.72
CA MET A 29 4.35 0.88 -6.12
CA MET A 29 4.33 0.89 -6.09
C MET A 29 3.31 1.79 -6.78
N LEU A 30 3.61 3.09 -6.90
CA LEU A 30 2.65 4.03 -7.49
C LEU A 30 2.42 3.67 -8.95
N HIS A 31 3.46 3.12 -9.59
CA HIS A 31 3.37 2.73 -11.00
C HIS A 31 2.18 1.82 -11.32
N ARG A 32 1.72 1.02 -10.37
CA ARG A 32 0.53 0.17 -10.57
C ARG A 32 -0.75 0.90 -10.95
N PHE A 33 -0.84 2.17 -10.58
CA PHE A 33 -1.97 3.03 -10.96
C PHE A 33 -2.08 3.38 -12.44
N TYR A 34 -0.98 3.24 -13.20
CA TYR A 34 -0.87 3.81 -14.53
C TYR A 34 -0.87 2.71 -15.61
N GLY A 35 -1.15 3.12 -16.85
CA GLY A 35 -1.24 2.24 -18.01
C GLY A 35 -0.58 2.91 -19.21
N LYS A 36 -0.53 2.19 -20.33
CA LYS A 36 0.22 2.60 -21.54
C LYS A 36 -0.11 4.04 -22.01
N ASN A 37 -1.38 4.43 -21.88
CA ASN A 37 -1.90 5.75 -22.28
C ASN A 37 -1.77 6.88 -21.22
N SER A 38 -1.38 6.56 -19.99
CA SER A 38 -1.38 7.51 -18.90
C SER A 38 -0.31 8.60 -19.02
N SER A 39 -0.70 9.82 -18.69
N SER A 39 -0.70 9.84 -18.70
CA SER A 39 0.20 10.95 -18.63
CA SER A 39 0.20 10.98 -18.68
C SER A 39 0.40 11.39 -17.18
C SER A 39 0.39 11.44 -17.23
N TYR A 40 1.64 11.68 -16.84
CA TYR A 40 1.99 12.08 -15.49
C TYR A 40 2.77 13.40 -15.58
N VAL A 41 2.25 14.46 -14.98
CA VAL A 41 2.71 15.79 -15.26
C VAL A 41 3.06 16.53 -13.97
N HIS A 42 4.35 16.41 -13.57
CA HIS A 42 4.93 17.03 -12.35
C HIS A 42 6.11 18.01 -12.65
N GLY A 43 6.60 18.00 -13.89
CA GLY A 43 7.28 19.14 -14.50
C GLY A 43 8.68 19.53 -14.07
N GLY A 44 9.67 18.67 -14.32
CA GLY A 44 11.06 18.99 -13.95
C GLY A 44 12.04 18.60 -15.02
N LEU A 45 12.34 17.31 -15.08
CA LEU A 45 13.15 16.71 -16.12
C LEU A 45 12.85 15.19 -16.17
N ASP A 46 12.90 14.60 -17.36
CA ASP A 46 12.84 13.14 -17.53
C ASP A 46 13.93 12.50 -16.67
N SER A 47 13.70 11.27 -16.21
CA SER A 47 14.70 10.52 -15.43
C SER A 47 16.08 10.53 -16.12
N ASN A 48 16.08 10.48 -17.46
CA ASN A 48 17.33 10.51 -18.26
C ASN A 48 17.88 11.94 -18.60
N GLY A 49 17.40 12.99 -17.92
CA GLY A 49 18.06 14.32 -17.91
C GLY A 49 17.40 15.51 -18.61
N LYS A 50 16.52 15.25 -19.59
CA LYS A 50 15.91 16.29 -20.44
C LYS A 50 14.56 16.84 -19.88
N PRO A 51 14.21 18.13 -20.20
CA PRO A 51 12.87 18.63 -19.81
C PRO A 51 11.72 17.86 -20.47
N ALA A 52 10.56 17.85 -19.83
CA ALA A 52 9.39 17.17 -20.35
C ALA A 52 8.08 17.75 -19.77
N ASP A 53 7.25 18.27 -20.69
CA ASP A 53 5.84 18.53 -20.43
C ASP A 53 5.16 17.38 -19.67
N ALA A 54 5.44 16.15 -20.08
CA ALA A 54 4.80 14.97 -19.53
C ALA A 54 5.67 13.74 -19.70
N VAL A 55 5.30 12.72 -18.94
CA VAL A 55 5.94 11.43 -18.91
C VAL A 55 4.78 10.44 -19.17
N TYR A 56 5.03 9.48 -20.04
CA TYR A 56 3.96 8.65 -20.65
C TYR A 56 4.25 7.17 -20.39
N GLY A 57 3.19 6.41 -20.04
CA GLY A 57 3.27 4.95 -19.82
C GLY A 57 3.84 4.53 -18.47
N GLN A 58 3.59 3.29 -18.04
CA GLN A 58 4.11 2.81 -16.76
C GLN A 58 5.62 2.86 -16.58
N LYS A 59 6.38 2.47 -17.60
CA LYS A 59 7.84 2.29 -17.48
C LYS A 59 8.50 3.62 -17.16
N GLU A 60 8.11 4.68 -17.86
CA GLU A 60 8.74 6.00 -17.67
C GLU A 60 8.15 6.74 -16.48
N ILE A 61 6.87 6.52 -16.20
CA ILE A 61 6.24 7.09 -14.99
C ILE A 61 6.86 6.56 -13.72
N HIS A 62 7.18 5.27 -13.69
CA HIS A 62 7.90 4.67 -12.56
C HIS A 62 9.29 5.31 -12.39
N ARG A 63 9.99 5.47 -13.50
CA ARG A 63 11.31 6.05 -13.48
C ARG A 63 11.23 7.46 -12.89
N LYS A 64 10.29 8.25 -13.41
CA LYS A 64 10.09 9.60 -12.94
C LYS A 64 9.74 9.65 -11.45
N VAL A 65 8.90 8.72 -11.00
CA VAL A 65 8.49 8.69 -9.61
C VAL A 65 9.70 8.40 -8.73
N MET A 66 10.53 7.45 -9.16
CA MET A 66 11.79 7.13 -8.44
C MET A 66 12.74 8.31 -8.39
N SER A 67 12.85 9.03 -9.50
CA SER A 67 13.78 10.13 -9.58
C SER A 67 13.35 11.31 -8.70
N GLN A 68 12.07 11.41 -8.37
CA GLN A 68 11.59 12.46 -7.45
C GLN A 68 12.03 12.15 -6.02
N ASN A 69 12.28 10.86 -5.77
CA ASN A 69 12.96 10.43 -4.57
C ASN A 69 12.11 10.82 -3.39
N PHE A 70 10.84 10.38 -3.41
CA PHE A 70 9.87 10.61 -2.33
C PHE A 70 10.38 9.82 -1.13
N THR A 71 10.71 10.51 -0.04
CA THR A 71 11.22 9.84 1.15
C THR A 71 10.71 10.56 2.41
N ASN A 72 10.01 9.82 3.25
CA ASN A 72 9.29 10.36 4.41
C ASN A 72 8.31 11.49 4.00
N CYS A 73 7.71 11.26 2.85
CA CYS A 73 6.74 12.12 2.27
C CYS A 73 5.46 12.07 3.08
N HIS A 74 5.02 13.24 3.58
CA HIS A 74 3.79 13.40 4.32
C HIS A 74 2.86 14.31 3.58
N THR A 75 1.59 13.95 3.66
CA THR A 75 0.53 14.65 3.00
C THR A 75 -0.57 14.91 4.02
N LYS A 76 -1.25 16.04 3.88
CA LYS A 76 -2.49 16.33 4.59
C LYS A 76 -3.45 16.91 3.57
N ILE A 77 -4.57 16.24 3.37
CA ILE A 77 -5.59 16.59 2.36
C ILE A 77 -6.62 17.48 3.00
N ARG A 78 -6.93 18.62 2.40
CA ARG A 78 -7.94 19.53 2.98
C ARG A 78 -9.27 19.47 2.25
N HIS A 79 -9.26 19.04 0.99
CA HIS A 79 -10.48 18.91 0.26
C HIS A 79 -10.35 18.06 -1.00
N VAL A 80 -11.41 17.34 -1.34
CA VAL A 80 -11.42 16.57 -2.56
C VAL A 80 -12.71 16.80 -3.31
N ASP A 81 -12.56 17.10 -4.60
CA ASP A 81 -13.65 17.16 -5.54
C ASP A 81 -13.47 15.98 -6.52
N ALA A 82 -14.55 15.24 -6.72
CA ALA A 82 -14.57 14.04 -7.57
C ALA A 82 -15.92 13.93 -8.30
N HIS A 83 -15.90 14.01 -9.63
CA HIS A 83 -17.11 14.08 -10.46
C HIS A 83 -17.04 13.11 -11.62
N ALA A 84 -18.20 12.63 -12.04
CA ALA A 84 -18.28 11.80 -13.23
C ALA A 84 -17.95 12.67 -14.43
N THR A 85 -17.12 12.13 -15.30
CA THR A 85 -16.69 12.81 -16.54
C THR A 85 -16.80 11.83 -17.70
N LEU A 86 -16.54 12.30 -18.92
CA LEU A 86 -16.71 11.50 -20.14
C LEU A 86 -16.14 10.07 -20.12
N ASN A 87 -16.89 9.13 -20.70
CA ASN A 87 -16.48 7.75 -20.86
C ASN A 87 -16.30 6.94 -19.54
N ASP A 88 -17.27 7.17 -18.63
CA ASP A 88 -17.25 6.69 -17.23
C ASP A 88 -15.96 7.00 -16.46
N GLY A 89 -15.27 8.06 -16.85
CA GLY A 89 -14.09 8.47 -16.13
C GLY A 89 -14.55 9.24 -14.89
N VAL A 90 -13.58 9.54 -14.03
CA VAL A 90 -13.81 10.32 -12.83
C VAL A 90 -12.73 11.34 -12.79
N VAL A 91 -13.13 12.61 -12.77
CA VAL A 91 -12.15 13.69 -12.63
C VAL A 91 -12.09 14.04 -11.15
N VAL A 92 -10.88 14.23 -10.66
CA VAL A 92 -10.61 14.40 -9.22
C VAL A 92 -9.64 15.58 -9.03
N GLN A 93 -10.08 16.62 -8.32
CA GLN A 93 -9.18 17.68 -7.86
C GLN A 93 -8.99 17.57 -6.32
N VAL A 94 -7.72 17.47 -5.96
CA VAL A 94 -7.25 17.45 -4.60
C VAL A 94 -6.63 18.81 -4.29
N MET A 95 -6.82 19.31 -3.07
CA MET A 95 -6.06 20.43 -2.56
C MET A 95 -5.53 19.99 -1.22
N GLY A 96 -4.22 20.12 -1.03
CA GLY A 96 -3.58 19.69 0.23
C GLY A 96 -2.20 20.28 0.48
N LEU A 97 -1.53 19.73 1.48
CA LEU A 97 -0.20 20.12 1.86
C LEU A 97 0.61 18.86 1.69
N LEU A 98 1.83 18.99 1.16
CA LEU A 98 2.74 17.87 1.00
C LEU A 98 4.15 18.28 1.38
N SER A 99 4.81 17.46 2.19
CA SER A 99 6.21 17.70 2.50
C SER A 99 6.99 16.48 2.05
N ASN A 100 8.17 16.69 1.46
CA ASN A 100 9.15 15.62 1.18
C ASN A 100 10.46 15.82 1.96
N ASN A 101 11.11 14.70 2.30
CA ASN A 101 12.34 14.74 3.08
C ASN A 101 12.22 15.54 4.38
N ASN A 102 11.08 15.40 5.04
CA ASN A 102 10.83 16.16 6.26
C ASN A 102 11.06 17.68 6.13
N GLN A 103 10.91 18.21 4.93
CA GLN A 103 11.00 19.67 4.75
C GLN A 103 9.66 20.32 5.07
N ALA A 104 9.56 21.64 4.96
CA ALA A 104 8.30 22.32 5.29
C ALA A 104 7.20 21.83 4.36
N LEU A 105 5.95 21.81 4.86
CA LEU A 105 4.77 21.54 4.03
C LEU A 105 4.59 22.64 3.01
N ARG A 106 3.99 22.29 1.88
CA ARG A 106 3.70 23.26 0.81
C ARG A 106 2.34 22.93 0.19
N ARG A 107 1.54 23.97 -0.04
CA ARG A 107 0.21 23.81 -0.64
C ARG A 107 0.28 23.36 -2.07
N PHE A 108 -0.63 22.48 -2.47
CA PHE A 108 -0.61 21.95 -3.82
C PHE A 108 -2.02 21.72 -4.34
N MET A 109 -2.15 21.72 -5.65
CA MET A 109 -3.30 21.17 -6.29
C MET A 109 -2.83 19.97 -7.10
N GLN A 110 -3.74 19.02 -7.29
N GLN A 110 -3.75 19.03 -7.32
CA GLN A 110 -3.45 17.86 -8.14
CA GLN A 110 -3.47 17.85 -8.12
C GLN A 110 -4.73 17.39 -8.78
C GLN A 110 -4.75 17.43 -8.78
N THR A 111 -4.71 17.31 -10.11
CA THR A 111 -5.86 16.95 -10.90
C THR A 111 -5.63 15.53 -11.38
N PHE A 112 -6.65 14.68 -11.25
CA PHE A 112 -6.57 13.30 -11.78
C PHE A 112 -7.70 13.09 -12.72
N VAL A 113 -7.48 12.24 -13.72
CA VAL A 113 -8.55 11.64 -14.45
C VAL A 113 -8.36 10.14 -14.36
N LEU A 114 -9.34 9.49 -13.73
CA LEU A 114 -9.33 8.04 -13.54
C LEU A 114 -10.24 7.47 -14.59
N ALA A 115 -9.84 6.34 -15.17
CA ALA A 115 -10.59 5.74 -16.26
C ALA A 115 -10.80 4.28 -15.95
N PRO A 116 -11.98 3.73 -16.33
CA PRO A 116 -12.19 2.27 -16.15
C PRO A 116 -11.07 1.50 -16.79
N GLU A 117 -10.47 0.59 -16.04
CA GLU A 117 -9.33 -0.15 -16.53
C GLU A 117 -9.74 -1.23 -17.58
N GLY A 118 -11.00 -1.69 -17.55
CA GLY A 118 -11.59 -2.45 -18.67
C GLY A 118 -11.62 -3.98 -18.61
N SER A 119 -10.88 -4.55 -17.66
CA SER A 119 -10.78 -6.02 -17.47
C SER A 119 -11.16 -6.57 -16.10
N VAL A 120 -11.14 -5.71 -15.07
CA VAL A 120 -11.66 -6.02 -13.75
C VAL A 120 -12.70 -4.96 -13.46
N ALA A 121 -13.88 -5.41 -13.02
CA ALA A 121 -14.99 -4.52 -12.64
C ALA A 121 -14.63 -3.54 -11.51
N ASN A 122 -15.13 -2.31 -11.65
CA ASN A 122 -14.90 -1.17 -10.75
C ASN A 122 -13.43 -0.82 -10.52
N LYS A 123 -12.58 -1.22 -11.45
CA LYS A 123 -11.16 -0.97 -11.31
C LYS A 123 -10.80 0.18 -12.23
N PHE A 124 -10.06 1.12 -11.66
CA PHE A 124 -9.67 2.31 -12.34
C PHE A 124 -8.17 2.43 -12.44
N TYR A 125 -7.71 3.01 -13.53
CA TYR A 125 -6.33 3.42 -13.61
C TYR A 125 -6.28 4.95 -13.80
N VAL A 126 -5.11 5.53 -13.62
CA VAL A 126 -4.96 6.94 -13.69
C VAL A 126 -4.59 7.29 -15.11
N HIS A 127 -5.52 7.85 -15.86
CA HIS A 127 -5.20 8.31 -17.21
C HIS A 127 -4.37 9.60 -17.12
N ASN A 128 -4.72 10.48 -16.19
CA ASN A 128 -4.00 11.75 -16.00
C ASN A 128 -3.68 12.05 -14.57
N ASP A 129 -2.46 12.56 -14.38
CA ASP A 129 -2.03 12.99 -13.10
C ASP A 129 -1.19 14.24 -13.28
N ILE A 130 -1.70 15.36 -12.81
CA ILE A 130 -1.08 16.69 -12.98
C ILE A 130 -0.92 17.33 -11.62
N PHE A 131 0.31 17.64 -11.21
CA PHE A 131 0.63 18.16 -9.88
C PHE A 131 1.22 19.55 -9.97
N ARG A 132 0.92 20.39 -8.98
CA ARG A 132 1.37 21.75 -8.98
C ARG A 132 1.43 22.32 -7.57
N TYR A 133 2.63 22.75 -7.18
CA TYR A 133 2.80 23.53 -5.96
C TYR A 133 2.33 24.93 -6.21
N GLN A 134 1.57 25.46 -5.27
CA GLN A 134 1.13 26.87 -5.29
C GLN A 134 2.31 27.84 -5.27
N ASP A 135 3.34 27.51 -4.50
CA ASP A 135 4.45 28.46 -4.32
C ASP A 135 5.19 28.76 -5.61
N GLU A 136 5.43 27.74 -6.44
CA GLU A 136 6.07 27.90 -7.79
C GLU A 136 5.25 28.70 -8.83
N VAL A 137 4.04 29.13 -8.45
CA VAL A 137 3.09 29.82 -9.31
C VAL A 137 2.83 31.28 -8.92
N PHE A 138 2.64 31.54 -7.64
CA PHE A 138 2.45 32.87 -7.14
C PHE A 138 3.71 33.33 -6.42
N PRO B 6 18.62 -30.63 -1.37
CA PRO B 6 17.80 -29.53 -1.86
C PRO B 6 18.06 -28.32 -1.01
N SER B 7 18.53 -27.26 -1.64
CA SER B 7 18.87 -26.05 -0.95
C SER B 7 17.65 -25.48 -0.29
N PRO B 8 17.57 -25.54 1.03
CA PRO B 8 16.42 -24.96 1.71
C PRO B 8 16.13 -23.47 1.40
N LEU B 9 17.16 -22.70 1.10
CA LEU B 9 16.96 -21.30 0.76
C LEU B 9 16.27 -21.09 -0.61
N LEU B 10 16.50 -22.00 -1.54
CA LEU B 10 15.90 -21.87 -2.86
C LEU B 10 14.45 -22.36 -2.79
N VAL B 11 14.20 -23.42 -2.03
CA VAL B 11 12.84 -23.90 -1.75
C VAL B 11 12.00 -22.74 -1.19
N GLY B 12 12.62 -22.01 -0.26
CA GLY B 12 11.98 -20.95 0.48
C GLY B 12 11.65 -19.75 -0.34
N ARG B 13 12.65 -19.22 -1.04
CA ARG B 13 12.42 -18.05 -1.91
C ARG B 13 11.40 -18.32 -3.03
N GLU B 14 11.43 -19.51 -3.61
CA GLU B 14 10.56 -19.89 -4.71
C GLU B 14 9.14 -20.08 -4.17
N PHE B 15 9.00 -20.78 -3.04
CA PHE B 15 7.71 -20.89 -2.38
C PHE B 15 7.07 -19.53 -2.04
N VAL B 16 7.84 -18.68 -1.36
CA VAL B 16 7.37 -17.36 -0.95
C VAL B 16 6.87 -16.61 -2.19
N ARG B 17 7.69 -16.54 -3.23
CA ARG B 17 7.26 -15.97 -4.55
C ARG B 17 5.95 -16.56 -5.10
N GLN B 18 5.80 -17.87 -5.07
CA GLN B 18 4.57 -18.49 -5.54
C GLN B 18 3.36 -18.11 -4.68
N TYR B 19 3.56 -18.02 -3.36
CA TYR B 19 2.47 -17.86 -2.40
C TYR B 19 1.87 -16.48 -2.51
N TYR B 20 2.70 -15.46 -2.59
CA TYR B 20 2.16 -14.08 -2.75
C TYR B 20 1.62 -13.77 -4.11
N THR B 21 2.23 -14.30 -5.15
CA THR B 21 1.64 -14.28 -6.50
C THR B 21 0.22 -14.86 -6.50
N LEU B 22 0.03 -16.06 -5.98
CA LEU B 22 -1.28 -16.70 -5.99
C LEU B 22 -2.27 -15.95 -5.10
N LEU B 23 -1.76 -15.38 -4.01
CA LEU B 23 -2.56 -14.59 -3.10
C LEU B 23 -3.12 -13.38 -3.83
N ASN B 24 -2.29 -12.71 -4.62
CA ASN B 24 -2.76 -11.65 -5.47
C ASN B 24 -3.78 -12.08 -6.55
N GLN B 25 -3.51 -13.21 -7.22
CA GLN B 25 -4.22 -13.55 -8.47
C GLN B 25 -5.47 -14.41 -8.31
N ALA B 26 -5.40 -15.35 -7.37
CA ALA B 26 -6.46 -16.32 -7.18
C ALA B 26 -6.37 -16.89 -5.75
N PRO B 27 -6.79 -16.10 -4.75
CA PRO B 27 -6.91 -16.58 -3.39
C PRO B 27 -7.83 -17.80 -3.23
N ASP B 28 -8.76 -17.97 -4.16
CA ASP B 28 -9.63 -19.16 -4.16
C ASP B 28 -8.91 -20.49 -4.41
N MET B 29 -7.69 -20.45 -4.96
CA MET B 29 -6.82 -21.64 -5.12
C MET B 29 -5.74 -21.80 -4.05
N LEU B 30 -5.62 -20.83 -3.15
CA LEU B 30 -4.56 -20.79 -2.13
C LEU B 30 -4.55 -22.05 -1.26
N HIS B 31 -5.75 -22.55 -0.97
CA HIS B 31 -5.91 -23.78 -0.21
C HIS B 31 -5.14 -25.01 -0.72
N ARG B 32 -4.76 -25.02 -2.00
CA ARG B 32 -3.99 -26.13 -2.58
C ARG B 32 -2.51 -26.22 -2.18
N PHE B 33 -1.97 -25.25 -1.44
CA PHE B 33 -0.67 -25.43 -0.79
C PHE B 33 -0.66 -26.35 0.42
N TYR B 34 -1.83 -26.64 0.99
CA TYR B 34 -1.92 -27.32 2.28
C TYR B 34 -2.47 -28.72 2.14
N GLY B 35 -2.25 -29.53 3.16
CA GLY B 35 -2.77 -30.89 3.26
C GLY B 35 -3.58 -31.01 4.55
N LYS B 36 -4.03 -32.23 4.84
CA LYS B 36 -5.04 -32.48 5.88
C LYS B 36 -4.62 -32.05 7.29
N ASN B 37 -3.32 -32.04 7.57
CA ASN B 37 -2.82 -31.65 8.90
C ASN B 37 -2.29 -30.23 9.02
N SER B 38 -2.51 -29.42 7.98
CA SER B 38 -1.82 -28.15 7.84
C SER B 38 -2.46 -27.12 8.76
N SER B 39 -1.62 -26.31 9.41
N SER B 39 -1.62 -26.31 9.42
CA SER B 39 -2.08 -25.22 10.29
CA SER B 39 -2.07 -25.22 10.30
C SER B 39 -2.02 -23.89 9.54
C SER B 39 -2.02 -23.91 9.53
N TYR B 40 -3.01 -23.04 9.73
CA TYR B 40 -3.11 -21.76 9.04
C TYR B 40 -3.62 -20.68 9.98
N VAL B 41 -2.91 -19.57 10.10
CA VAL B 41 -3.41 -18.37 10.79
C VAL B 41 -3.08 -17.13 9.98
N HIS B 42 -4.06 -16.27 9.72
CA HIS B 42 -3.74 -15.01 9.04
C HIS B 42 -4.11 -13.77 9.85
N GLY B 43 -3.45 -13.63 11.00
CA GLY B 43 -3.63 -12.44 11.84
C GLY B 43 -5.07 -12.34 12.33
N GLY B 44 -5.53 -11.11 12.53
CA GLY B 44 -6.82 -10.89 13.16
C GLY B 44 -6.80 -11.02 14.69
N LEU B 45 -7.81 -10.41 15.31
CA LEU B 45 -7.96 -10.42 16.75
C LEU B 45 -9.43 -10.66 17.08
N ASP B 46 -9.69 -11.63 17.96
CA ASP B 46 -11.06 -12.06 18.29
C ASP B 46 -11.84 -11.02 19.10
N SER B 47 -13.13 -11.32 19.33
CA SER B 47 -14.04 -10.45 20.11
C SER B 47 -13.42 -9.94 21.42
N ASN B 48 -12.73 -10.84 22.12
CA ASN B 48 -12.01 -10.56 23.38
C ASN B 48 -10.57 -10.05 23.19
N GLY B 49 -10.27 -9.42 22.05
CA GLY B 49 -8.98 -8.77 21.81
C GLY B 49 -7.77 -9.64 21.45
N LYS B 50 -7.73 -10.90 21.89
CA LYS B 50 -6.56 -11.78 21.68
C LYS B 50 -6.51 -12.26 20.24
N PRO B 51 -5.30 -12.62 19.72
CA PRO B 51 -5.07 -13.14 18.35
C PRO B 51 -5.84 -14.40 17.94
N ALA B 52 -6.35 -14.38 16.70
CA ALA B 52 -7.21 -15.43 16.16
C ALA B 52 -6.58 -16.81 16.16
N ASP B 53 -7.44 -17.83 16.31
CA ASP B 53 -7.02 -19.22 16.36
C ASP B 53 -6.61 -19.72 14.98
N ALA B 54 -5.90 -20.84 15.02
CA ALA B 54 -5.50 -21.55 13.84
C ALA B 54 -6.59 -22.56 13.49
N VAL B 55 -6.62 -22.93 12.21
CA VAL B 55 -7.52 -23.94 11.69
C VAL B 55 -6.69 -24.97 10.89
N TYR B 56 -7.34 -26.03 10.43
CA TYR B 56 -6.64 -27.26 10.05
C TYR B 56 -7.34 -27.91 8.85
N GLY B 57 -6.56 -28.30 7.84
CA GLY B 57 -7.08 -28.95 6.63
C GLY B 57 -7.44 -27.96 5.54
N GLN B 58 -7.42 -28.41 4.29
CA GLN B 58 -7.72 -27.57 3.17
C GLN B 58 -9.10 -26.92 3.25
N LYS B 59 -10.11 -27.66 3.74
CA LYS B 59 -11.50 -27.21 3.68
C LYS B 59 -11.76 -26.01 4.60
N GLU B 60 -11.21 -26.11 5.82
CA GLU B 60 -11.24 -25.02 6.82
C GLU B 60 -10.35 -23.86 6.43
N ILE B 61 -9.16 -24.19 5.91
CA ILE B 61 -8.20 -23.18 5.43
C ILE B 61 -8.85 -22.40 4.30
N HIS B 62 -9.44 -23.10 3.34
CA HIS B 62 -10.11 -22.45 2.22
C HIS B 62 -11.15 -21.48 2.72
N ARG B 63 -11.98 -21.94 3.66
CA ARG B 63 -13.06 -21.12 4.24
C ARG B 63 -12.54 -19.88 4.97
N LYS B 64 -11.48 -20.07 5.73
CA LYS B 64 -10.83 -18.95 6.42
C LYS B 64 -10.27 -17.95 5.38
N VAL B 65 -9.57 -18.49 4.38
CA VAL B 65 -8.99 -17.66 3.32
C VAL B 65 -10.05 -16.85 2.60
N MET B 66 -11.17 -17.49 2.23
CA MET B 66 -12.31 -16.77 1.61
C MET B 66 -12.94 -15.67 2.47
N SER B 67 -12.98 -15.87 3.78
CA SER B 67 -13.53 -14.88 4.70
C SER B 67 -12.64 -13.65 4.85
N GLN B 68 -11.32 -13.78 4.68
CA GLN B 68 -10.44 -12.61 4.60
C GLN B 68 -10.62 -11.74 3.34
N ASN B 69 -11.38 -12.23 2.34
CA ASN B 69 -11.69 -11.48 1.13
C ASN B 69 -10.44 -10.83 0.57
N PHE B 70 -9.50 -11.67 0.18
CA PHE B 70 -8.30 -11.19 -0.47
C PHE B 70 -8.67 -10.68 -1.87
N THR B 71 -8.56 -9.37 -2.09
CA THR B 71 -8.91 -8.75 -3.38
C THR B 71 -7.82 -7.75 -3.82
N ASN B 72 -7.14 -8.08 -4.93
CA ASN B 72 -5.96 -7.31 -5.42
C ASN B 72 -4.96 -7.04 -4.28
N CYS B 73 -4.44 -8.13 -3.75
CA CYS B 73 -3.68 -8.11 -2.53
C CYS B 73 -2.23 -8.01 -2.92
N HIS B 74 -1.57 -6.92 -2.50
CA HIS B 74 -0.20 -6.63 -2.94
C HIS B 74 0.76 -6.70 -1.78
N THR B 75 1.87 -7.41 -1.99
CA THR B 75 2.89 -7.57 -0.97
C THR B 75 4.14 -6.80 -1.35
N LYS B 76 4.90 -6.43 -0.35
CA LYS B 76 6.31 -6.10 -0.54
C LYS B 76 7.08 -6.90 0.51
N ILE B 77 7.94 -7.81 0.07
CA ILE B 77 8.70 -8.69 0.96
C ILE B 77 10.07 -8.07 1.17
N ARG B 78 10.38 -7.76 2.44
CA ARG B 78 11.65 -7.18 2.85
C ARG B 78 12.66 -8.23 3.32
N HIS B 79 12.20 -9.37 3.85
CA HIS B 79 13.15 -10.40 4.24
C HIS B 79 12.61 -11.84 4.25
N VAL B 80 13.38 -12.73 3.62
CA VAL B 80 13.09 -14.16 3.61
C VAL B 80 14.29 -14.91 4.15
N ASP B 81 14.09 -15.57 5.29
CA ASP B 81 15.04 -16.52 5.85
C ASP B 81 14.51 -17.94 5.70
N ALA B 82 15.34 -18.84 5.14
CA ALA B 82 14.97 -20.24 5.02
C ALA B 82 16.12 -21.18 5.42
N HIS B 83 15.78 -22.18 6.23
CA HIS B 83 16.75 -23.08 6.88
C HIS B 83 16.20 -24.51 6.96
N ALA B 84 17.12 -25.47 6.84
CA ALA B 84 16.76 -26.91 7.02
C ALA B 84 16.32 -27.19 8.45
N THR B 85 15.17 -27.86 8.56
CA THR B 85 14.64 -28.31 9.82
C THR B 85 14.30 -29.82 9.74
N LEU B 86 13.97 -30.42 10.87
CA LEU B 86 13.80 -31.88 10.94
C LEU B 86 12.87 -32.53 9.87
N ASN B 87 13.15 -33.81 9.58
CA ASN B 87 12.41 -34.64 8.63
C ASN B 87 12.44 -34.13 7.19
N ASP B 88 13.54 -33.48 6.82
CA ASP B 88 13.71 -32.84 5.50
C ASP B 88 12.77 -31.65 5.26
N GLY B 89 12.24 -31.07 6.33
CA GLY B 89 11.43 -29.86 6.24
C GLY B 89 12.29 -28.63 5.99
N VAL B 90 11.62 -27.53 5.60
CA VAL B 90 12.23 -26.21 5.49
C VAL B 90 11.39 -25.24 6.33
N VAL B 91 12.04 -24.56 7.29
CA VAL B 91 11.37 -23.51 8.09
C VAL B 91 11.64 -22.21 7.36
N VAL B 92 10.60 -21.42 7.15
CA VAL B 92 10.72 -20.15 6.45
C VAL B 92 10.18 -19.01 7.32
N GLN B 93 10.97 -17.94 7.44
CA GLN B 93 10.59 -16.70 8.13
C GLN B 93 10.50 -15.54 7.13
N VAL B 94 9.29 -14.98 6.97
CA VAL B 94 9.04 -13.81 6.13
C VAL B 94 8.65 -12.57 6.93
N MET B 95 9.21 -11.42 6.57
CA MET B 95 8.70 -10.11 7.05
C MET B 95 8.50 -9.28 5.82
N GLY B 96 7.38 -8.57 5.78
CA GLY B 96 7.11 -7.68 4.69
C GLY B 96 5.97 -6.75 5.03
N LEU B 97 5.39 -6.19 3.95
CA LEU B 97 4.27 -5.31 4.01
C LEU B 97 3.16 -5.90 3.13
N LEU B 98 1.92 -5.89 3.64
CA LEU B 98 0.75 -6.44 2.90
C LEU B 98 -0.42 -5.48 2.87
N SER B 99 -0.97 -5.28 1.66
CA SER B 99 -2.16 -4.44 1.42
C SER B 99 -3.25 -5.35 0.84
N ASN B 100 -4.41 -5.38 1.48
CA ASN B 100 -5.61 -6.01 0.95
C ASN B 100 -6.62 -4.94 0.56
N ASN B 101 -7.29 -5.13 -0.58
CA ASN B 101 -8.32 -4.21 -1.03
C ASN B 101 -7.84 -2.77 -1.09
N ASN B 102 -6.62 -2.60 -1.59
CA ASN B 102 -6.00 -1.30 -1.78
C ASN B 102 -5.85 -0.48 -0.50
N GLN B 103 -5.94 -1.11 0.67
CA GLN B 103 -5.83 -0.38 1.93
C GLN B 103 -4.34 -0.11 2.19
N ALA B 104 -4.05 0.58 3.28
CA ALA B 104 -2.66 0.91 3.63
C ALA B 104 -1.87 -0.36 3.76
N LEU B 105 -0.60 -0.33 3.35
CA LEU B 105 0.31 -1.43 3.60
C LEU B 105 0.49 -1.62 5.12
N ARG B 106 0.48 -2.87 5.58
CA ARG B 106 0.61 -3.20 7.00
C ARG B 106 1.76 -4.19 7.21
N ARG B 107 2.68 -3.84 8.09
CA ARG B 107 3.83 -4.72 8.40
C ARG B 107 3.32 -6.08 8.91
N PHE B 108 3.96 -7.17 8.46
CA PHE B 108 3.69 -8.48 9.02
C PHE B 108 4.95 -9.27 9.31
N MET B 109 4.76 -10.41 10.00
N MET B 109 4.74 -10.25 10.18
CA MET B 109 5.80 -11.40 10.25
CA MET B 109 5.75 -11.18 10.58
C MET B 109 5.19 -12.80 9.95
C MET B 109 5.05 -12.49 10.31
N GLN B 110 5.75 -13.60 9.02
N GLN B 110 5.82 -13.48 9.86
CA GLN B 110 5.14 -14.88 8.70
CA GLN B 110 5.23 -14.69 9.29
C GLN B 110 6.11 -16.01 8.97
C GLN B 110 6.16 -15.92 9.26
N THR B 111 5.59 -17.10 9.49
CA THR B 111 6.37 -18.33 9.59
C THR B 111 5.71 -19.40 8.73
N PHE B 112 6.55 -20.08 7.96
CA PHE B 112 6.11 -21.23 7.24
C PHE B 112 6.95 -22.43 7.62
N VAL B 113 6.31 -23.59 7.69
CA VAL B 113 7.02 -24.86 7.60
C VAL B 113 6.54 -25.60 6.36
N LEU B 114 7.49 -25.90 5.47
CA LEU B 114 7.23 -26.71 4.27
C LEU B 114 7.73 -28.11 4.55
N ALA B 115 6.88 -29.10 4.25
CA ALA B 115 7.19 -30.52 4.48
C ALA B 115 7.18 -31.29 3.14
N PRO B 116 8.09 -32.28 2.95
CA PRO B 116 8.03 -33.04 1.70
C PRO B 116 6.73 -33.80 1.62
N GLU B 117 6.08 -33.72 0.47
CA GLU B 117 4.76 -34.32 0.30
C GLU B 117 4.85 -35.86 0.30
N GLY B 118 6.02 -36.42 0.03
CA GLY B 118 6.21 -37.83 0.22
C GLY B 118 5.91 -38.78 -0.92
N SER B 119 5.41 -38.26 -2.06
CA SER B 119 4.97 -39.09 -3.24
C SER B 119 5.59 -38.73 -4.57
N VAL B 120 5.73 -37.43 -4.83
CA VAL B 120 6.35 -36.90 -6.03
C VAL B 120 7.66 -36.30 -5.61
N ALA B 121 8.72 -36.55 -6.39
CA ALA B 121 10.05 -36.02 -6.03
C ALA B 121 10.05 -34.50 -6.07
N ASN B 122 10.62 -33.89 -5.04
CA ASN B 122 10.80 -32.45 -4.99
C ASN B 122 9.49 -31.66 -4.80
N LYS B 123 8.42 -32.34 -4.38
CA LYS B 123 7.17 -31.67 -4.05
C LYS B 123 7.09 -31.44 -2.53
N PHE B 124 6.65 -30.26 -2.12
CA PHE B 124 6.48 -29.95 -0.70
C PHE B 124 5.08 -29.46 -0.52
N TYR B 125 4.66 -29.39 0.72
CA TYR B 125 3.39 -28.79 1.04
C TYR B 125 3.60 -27.96 2.32
N VAL B 126 2.63 -27.11 2.64
CA VAL B 126 2.77 -26.15 3.70
C VAL B 126 2.26 -26.87 4.90
N HIS B 127 3.14 -27.25 5.81
CA HIS B 127 2.67 -27.83 7.06
C HIS B 127 2.15 -26.76 7.99
N ASN B 128 2.80 -25.61 8.01
CA ASN B 128 2.39 -24.50 8.85
C ASN B 128 2.51 -23.13 8.18
N ASP B 129 1.40 -22.39 8.23
CA ASP B 129 1.31 -21.01 7.80
C ASP B 129 0.86 -20.18 9.01
N ILE B 130 1.81 -19.51 9.64
CA ILE B 130 1.53 -18.62 10.77
C ILE B 130 1.78 -17.16 10.36
N PHE B 131 0.72 -16.41 10.08
CA PHE B 131 0.89 -15.02 9.66
C PHE B 131 0.40 -14.13 10.77
N ARG B 132 1.17 -13.10 11.09
CA ARG B 132 0.72 -12.09 12.03
C ARG B 132 0.98 -10.67 11.54
N TYR B 133 -0.03 -9.81 11.60
CA TYR B 133 0.14 -8.35 11.45
C TYR B 133 0.82 -7.78 12.70
N GLN B 134 1.79 -6.89 12.51
CA GLN B 134 2.50 -6.26 13.64
C GLN B 134 1.63 -5.28 14.39
N ASP B 135 0.83 -4.48 13.69
CA ASP B 135 0.01 -3.45 14.37
C ASP B 135 -1.15 -3.97 15.28
N GLU B 136 -1.46 -5.25 15.23
CA GLU B 136 -2.43 -5.87 16.15
C GLU B 136 -1.80 -6.50 17.40
N VAL B 137 -0.47 -6.47 17.49
CA VAL B 137 0.28 -7.13 18.54
C VAL B 137 0.98 -6.04 19.37
N PHE B 138 1.77 -5.23 18.73
CA PHE B 138 2.53 -4.24 19.44
C PHE B 138 1.76 -3.05 19.91
N PRO C 6 1.77 -34.26 24.23
CA PRO C 6 2.14 -33.00 24.88
C PRO C 6 1.62 -31.80 24.10
N SER C 7 0.70 -31.05 24.68
CA SER C 7 0.09 -29.88 24.08
C SER C 7 1.14 -28.96 23.47
N PRO C 8 1.28 -28.95 22.15
CA PRO C 8 2.34 -28.12 21.53
C PRO C 8 2.33 -26.66 21.99
N LEU C 9 1.14 -26.14 22.30
CA LEU C 9 1.01 -24.81 22.87
C LEU C 9 1.74 -24.66 24.21
N LEU C 10 1.54 -25.64 25.10
CA LEU C 10 2.19 -25.64 26.44
C LEU C 10 3.66 -25.85 26.34
N VAL C 11 4.07 -26.75 25.43
CA VAL C 11 5.49 -27.00 25.14
C VAL C 11 6.16 -25.68 24.76
N GLY C 12 5.52 -24.93 23.85
CA GLY C 12 6.07 -23.70 23.31
C GLY C 12 6.10 -22.58 24.31
N ARG C 13 4.97 -22.35 24.97
CA ARG C 13 4.85 -21.21 25.91
C ARG C 13 5.85 -21.31 27.07
N GLU C 14 6.08 -22.54 27.53
CA GLU C 14 7.04 -22.83 28.59
C GLU C 14 8.48 -22.63 28.12
N PHE C 15 8.80 -23.17 26.94
CA PHE C 15 10.12 -22.94 26.31
C PHE C 15 10.49 -21.47 26.20
N VAL C 16 9.52 -20.64 25.82
CA VAL C 16 9.73 -19.18 25.67
C VAL C 16 10.05 -18.56 27.02
N ARG C 17 9.27 -18.96 28.03
CA ARG C 17 9.53 -18.55 29.40
C ARG C 17 10.99 -18.85 29.71
N GLN C 18 11.40 -20.08 29.45
CA GLN C 18 12.77 -20.48 29.77
C GLN C 18 13.84 -19.70 28.99
N TYR C 19 13.61 -19.53 27.69
CA TYR C 19 14.58 -18.93 26.78
C TYR C 19 14.96 -17.48 27.18
N TYR C 20 13.96 -16.63 27.40
CA TYR C 20 14.23 -15.23 27.77
C TYR C 20 14.63 -14.95 29.21
N THR C 21 14.13 -15.76 30.13
CA THR C 21 14.69 -15.85 31.48
C THR C 21 16.19 -16.12 31.34
N LEU C 22 16.57 -17.16 30.60
CA LEU C 22 17.98 -17.51 30.52
C LEU C 22 18.81 -16.42 29.91
N LEU C 23 18.27 -15.78 28.87
CA LEU C 23 18.93 -14.67 28.17
C LEU C 23 19.21 -13.48 29.08
N ASN C 24 18.29 -13.22 30.01
CA ASN C 24 18.49 -12.22 31.05
C ASN C 24 19.48 -12.66 32.13
N GLN C 25 19.29 -13.89 32.62
CA GLN C 25 19.94 -14.37 33.87
C GLN C 25 21.28 -15.03 33.67
N ALA C 26 21.43 -15.76 32.55
CA ALA C 26 22.70 -16.47 32.22
C ALA C 26 22.91 -16.66 30.71
N PRO C 27 23.22 -15.57 29.98
CA PRO C 27 23.40 -15.71 28.54
C PRO C 27 24.45 -16.76 28.15
N ASP C 28 25.46 -16.94 29.00
CA ASP C 28 26.54 -17.90 28.75
C ASP C 28 26.14 -19.38 28.86
N MET C 29 24.92 -19.65 29.33
CA MET C 29 24.32 -20.98 29.33
C MET C 29 23.33 -21.21 28.19
N LEU C 30 23.05 -20.18 27.39
CA LEU C 30 22.03 -20.28 26.33
C LEU C 30 22.37 -21.34 25.27
N HIS C 31 23.66 -21.54 25.02
CA HIS C 31 24.14 -22.61 24.15
C HIS C 31 23.63 -24.03 24.48
N ARG C 32 23.26 -24.27 25.74
CA ARG C 32 22.74 -25.59 26.19
C ARG C 32 21.32 -25.97 25.73
N PHE C 33 20.62 -25.07 25.03
CA PHE C 33 19.37 -25.40 24.35
C PHE C 33 19.56 -26.18 23.03
N TYR C 34 20.80 -26.34 22.58
CA TYR C 34 21.06 -26.68 21.18
C TYR C 34 21.99 -27.90 21.05
N GLY C 35 21.93 -28.53 19.87
CA GLY C 35 22.70 -29.74 19.55
C GLY C 35 23.42 -29.58 18.23
N LYS C 36 24.09 -30.63 17.77
CA LYS C 36 25.05 -30.54 16.63
C LYS C 36 24.39 -30.08 15.34
N ASN C 37 23.09 -30.40 15.20
CA ASN C 37 22.30 -29.97 14.05
C ASN C 37 21.88 -28.50 14.05
N SER C 38 21.74 -27.93 15.24
CA SER C 38 21.00 -26.68 15.43
C SER C 38 21.51 -25.49 14.63
N SER C 39 20.57 -24.73 14.04
CA SER C 39 20.92 -23.49 13.31
C SER C 39 20.48 -22.26 14.13
N TYR C 40 21.33 -21.23 14.13
CA TYR C 40 21.13 -20.04 14.96
C TYR C 40 21.45 -18.74 14.23
N VAL C 41 20.51 -17.78 14.26
CA VAL C 41 20.72 -16.42 13.75
C VAL C 41 20.15 -15.37 14.73
N HIS C 42 20.97 -14.36 15.04
CA HIS C 42 20.55 -13.18 15.82
C HIS C 42 21.23 -11.89 15.34
N LYS C 50 23.22 -6.02 5.09
CA LYS C 50 23.39 -7.48 4.95
C LYS C 50 23.07 -8.26 6.25
N PRO C 51 21.88 -8.90 6.33
CA PRO C 51 21.53 -9.72 7.52
C PRO C 51 22.51 -10.87 7.79
N ALA C 52 22.97 -11.01 9.02
CA ALA C 52 24.07 -11.93 9.34
C ALA C 52 23.70 -13.37 9.03
N ASP C 53 24.73 -14.21 8.93
CA ASP C 53 24.54 -15.61 8.53
C ASP C 53 24.42 -16.54 9.72
N ALA C 54 23.71 -17.65 9.49
CA ALA C 54 23.50 -18.67 10.50
C ALA C 54 24.80 -19.38 10.86
N VAL C 55 24.91 -19.76 12.15
CA VAL C 55 25.93 -20.67 12.66
C VAL C 55 25.29 -22.01 13.05
N TYR C 56 26.15 -23.02 13.25
CA TYR C 56 25.72 -24.41 13.49
C TYR C 56 26.40 -25.05 14.71
N GLY C 57 25.61 -25.65 15.59
CA GLY C 57 26.16 -26.34 16.76
C GLY C 57 26.49 -25.46 17.96
N GLN C 58 26.45 -26.07 19.15
CA GLN C 58 26.75 -25.40 20.41
C GLN C 58 28.00 -24.55 20.44
N LYS C 59 29.09 -25.09 19.90
CA LYS C 59 30.43 -24.49 19.99
C LYS C 59 30.47 -23.13 19.31
N GLU C 60 29.90 -23.08 18.10
CA GLU C 60 29.75 -21.87 17.31
C GLU C 60 28.58 -20.98 17.73
N ILE C 61 27.45 -21.59 18.13
CA ILE C 61 26.33 -20.81 18.62
C ILE C 61 26.78 -19.99 19.84
N HIS C 62 27.42 -20.67 20.80
CA HIS C 62 27.98 -20.01 21.97
C HIS C 62 28.86 -18.81 21.61
N ARG C 63 29.86 -19.02 20.75
CA ARG C 63 30.74 -17.94 20.28
C ARG C 63 29.94 -16.75 19.74
N LYS C 64 28.89 -17.04 18.98
CA LYS C 64 27.95 -16.01 18.49
C LYS C 64 27.24 -15.33 19.68
N VAL C 65 26.61 -16.12 20.54
CA VAL C 65 25.90 -15.59 21.74
C VAL C 65 26.80 -14.76 22.65
N MET C 66 28.07 -15.13 22.81
CA MET C 66 29.00 -14.29 23.59
C MET C 66 29.39 -12.96 22.92
N SER C 67 29.50 -12.93 21.60
CA SER C 67 29.88 -11.72 20.86
C SER C 67 28.82 -10.61 20.93
N GLN C 68 27.58 -11.00 21.22
CA GLN C 68 26.46 -10.08 21.34
C GLN C 68 26.30 -9.40 22.67
N ASN C 69 27.08 -9.80 23.69
CA ASN C 69 27.19 -9.08 24.98
C ASN C 69 25.87 -8.72 25.60
N PHE C 70 25.06 -9.76 25.80
CA PHE C 70 23.80 -9.64 26.48
C PHE C 70 24.12 -9.28 27.92
N THR C 71 23.72 -8.08 28.35
CA THR C 71 23.84 -7.66 29.75
C THR C 71 22.53 -6.96 30.13
N ASN C 72 21.91 -7.40 31.21
CA ASN C 72 20.62 -6.86 31.70
C ASN C 72 19.54 -6.86 30.62
N CYS C 73 19.51 -7.96 29.89
CA CYS C 73 18.76 -8.06 28.65
C CYS C 73 17.30 -8.32 28.98
N HIS C 74 16.44 -7.33 28.76
CA HIS C 74 15.02 -7.46 29.06
C HIS C 74 14.17 -7.50 27.81
N THR C 75 13.09 -8.27 27.92
CA THR C 75 12.20 -8.55 26.84
C THR C 75 10.75 -8.41 27.28
N LYS C 76 9.94 -7.72 26.48
CA LYS C 76 8.48 -7.74 26.62
C LYS C 76 7.91 -8.63 25.50
N ILE C 77 7.29 -9.74 25.84
CA ILE C 77 6.77 -10.67 24.85
C ILE C 77 5.31 -10.31 24.59
N ARG C 78 5.00 -9.91 23.38
CA ARG C 78 3.64 -9.50 23.03
C ARG C 78 2.81 -10.63 22.49
N HIS C 79 3.44 -11.56 21.77
CA HIS C 79 2.73 -12.72 21.26
C HIS C 79 3.58 -13.96 21.04
N VAL C 80 2.99 -15.11 21.36
CA VAL C 80 3.58 -16.42 21.15
C VAL C 80 2.59 -17.35 20.43
N ASP C 81 3.01 -17.91 19.32
CA ASP C 81 2.30 -18.99 18.62
C ASP C 81 3.18 -20.20 18.62
N ALA C 82 2.61 -21.31 19.04
CA ALA C 82 3.30 -22.61 19.02
C ALA C 82 2.35 -23.58 18.36
N HIS C 83 2.86 -24.35 17.41
CA HIS C 83 2.02 -25.29 16.67
C HIS C 83 2.75 -26.57 16.41
N ALA C 84 1.96 -27.65 16.40
CA ALA C 84 2.45 -28.98 16.05
C ALA C 84 3.02 -28.91 14.64
N THR C 85 4.16 -29.54 14.42
CA THR C 85 4.75 -29.63 13.08
C THR C 85 5.32 -31.06 12.83
N LEU C 86 6.13 -31.24 11.79
CA LEU C 86 6.65 -32.56 11.38
C LEU C 86 7.15 -33.45 12.53
N ASN C 87 6.44 -34.55 12.76
CA ASN C 87 6.88 -35.60 13.67
C ASN C 87 7.01 -35.08 15.09
N ASP C 88 5.83 -34.77 15.65
CA ASP C 88 5.67 -34.23 17.00
C ASP C 88 6.56 -33.00 17.28
N GLY C 89 6.97 -32.30 16.20
CA GLY C 89 7.79 -31.11 16.30
C GLY C 89 6.94 -29.98 16.82
N VAL C 90 7.56 -28.91 17.28
CA VAL C 90 6.79 -27.73 17.66
C VAL C 90 7.39 -26.54 16.97
N VAL C 91 6.63 -25.91 16.07
CA VAL C 91 7.06 -24.66 15.42
C VAL C 91 6.56 -23.53 16.30
N VAL C 92 7.46 -22.60 16.60
CA VAL C 92 7.18 -21.48 17.53
C VAL C 92 7.50 -20.12 16.92
N GLN C 93 6.58 -19.19 17.08
CA GLN C 93 6.75 -17.87 16.54
C GLN C 93 6.51 -16.83 17.61
N VAL C 94 7.55 -16.06 17.93
CA VAL C 94 7.50 -15.02 19.00
C VAL C 94 7.61 -13.60 18.44
N MET C 95 6.81 -12.68 18.98
CA MET C 95 6.87 -11.26 18.67
C MET C 95 7.07 -10.48 19.95
N GLY C 96 8.05 -9.60 20.00
CA GLY C 96 8.03 -8.60 21.05
C GLY C 96 9.07 -7.52 20.98
N LEU C 97 9.46 -7.02 22.16
CA LEU C 97 10.49 -5.98 22.33
C LEU C 97 11.65 -6.51 23.16
N LEU C 98 12.87 -6.16 22.78
CA LEU C 98 14.09 -6.59 23.47
C LEU C 98 15.00 -5.41 23.62
N SER C 99 15.57 -5.29 24.82
CA SER C 99 16.47 -4.20 25.17
C SER C 99 17.68 -4.83 25.76
N ASN C 100 18.83 -4.64 25.13
CA ASN C 100 20.09 -5.18 25.63
C ASN C 100 20.94 -4.08 26.22
N ASN C 101 21.52 -4.32 27.40
CA ASN C 101 22.34 -3.30 28.07
C ASN C 101 21.61 -1.97 28.25
N ASN C 102 20.33 -2.08 28.62
CA ASN C 102 19.50 -0.91 28.91
C ASN C 102 19.47 0.08 27.73
N GLN C 103 19.61 -0.41 26.49
CA GLN C 103 19.58 0.45 25.29
C GLN C 103 18.14 0.51 24.86
N ALA C 104 17.89 1.05 23.68
CA ALA C 104 16.56 1.13 23.08
C ALA C 104 15.83 -0.22 23.06
N LEU C 105 14.54 -0.20 23.42
CA LEU C 105 13.69 -1.36 23.22
C LEU C 105 13.41 -1.45 21.73
N ARG C 106 13.75 -2.62 21.17
CA ARG C 106 13.74 -2.83 19.75
C ARG C 106 12.81 -3.95 19.44
N ARG C 107 12.01 -3.75 18.40
CA ARG C 107 11.05 -4.76 17.98
C ARG C 107 11.73 -5.95 17.27
N PHE C 108 11.24 -7.17 17.54
CA PHE C 108 11.70 -8.34 16.84
C PHE C 108 10.63 -9.40 16.49
N MET C 109 11.07 -10.33 15.66
CA MET C 109 10.33 -11.53 15.35
C MET C 109 11.32 -12.65 15.57
N GLN C 110 10.86 -13.71 16.21
CA GLN C 110 11.69 -14.87 16.40
C GLN C 110 10.93 -16.10 16.03
N THR C 111 11.59 -16.99 15.29
CA THR C 111 11.07 -18.29 14.91
C THR C 111 11.96 -19.39 15.54
N PHE C 112 11.31 -20.31 16.26
CA PHE C 112 11.95 -21.53 16.72
C PHE C 112 11.29 -22.74 16.12
N VAL C 113 12.09 -23.78 15.90
CA VAL C 113 11.57 -25.13 15.83
C VAL C 113 12.16 -25.93 17.00
N LEU C 114 11.28 -26.45 17.82
CA LEU C 114 11.64 -27.41 18.86
C LEU C 114 11.51 -28.88 18.32
N ALA C 115 12.60 -29.66 18.41
CA ALA C 115 12.62 -31.09 17.95
C ALA C 115 12.82 -32.06 19.10
N PRO C 116 12.10 -33.22 19.10
CA PRO C 116 12.36 -34.25 20.15
C PRO C 116 13.81 -34.70 20.18
N GLU C 117 14.43 -34.77 21.36
CA GLU C 117 15.83 -35.22 21.48
C GLU C 117 15.96 -36.73 21.21
N GLY C 118 14.89 -37.48 21.51
CA GLY C 118 14.80 -38.90 21.20
C GLY C 118 15.31 -39.87 22.26
N SER C 119 15.91 -39.34 23.34
CA SER C 119 16.44 -40.15 24.45
C SER C 119 15.54 -40.21 25.69
N VAL C 120 14.53 -39.34 25.78
CA VAL C 120 13.59 -39.33 26.92
C VAL C 120 12.25 -38.73 26.46
N ALA C 121 11.14 -39.14 27.06
CA ALA C 121 9.89 -38.38 26.89
C ALA C 121 10.07 -36.94 27.39
N ASN C 122 9.20 -36.04 26.91
CA ASN C 122 9.22 -34.62 27.28
C ASN C 122 10.52 -33.84 26.95
N LYS C 123 11.48 -34.43 26.22
CA LYS C 123 12.79 -33.79 26.06
C LYS C 123 13.08 -33.21 24.64
N PHE C 124 13.25 -31.89 24.62
CA PHE C 124 13.36 -31.15 23.39
C PHE C 124 14.68 -30.46 23.26
N TYR C 125 15.00 -30.14 22.01
CA TYR C 125 16.06 -29.22 21.75
C TYR C 125 15.61 -28.23 20.64
N VAL C 126 16.43 -27.20 20.44
CA VAL C 126 16.13 -26.15 19.48
C VAL C 126 16.85 -26.51 18.21
N HIS C 127 16.09 -26.92 17.19
CA HIS C 127 16.69 -27.31 15.92
C HIS C 127 17.00 -26.03 15.15
N ASN C 128 16.08 -25.04 15.24
CA ASN C 128 16.22 -23.74 14.57
C ASN C 128 15.87 -22.59 15.50
N ASP C 129 16.76 -21.60 15.59
CA ASP C 129 16.46 -20.34 16.26
C ASP C 129 16.75 -19.20 15.31
N ILE C 130 15.71 -18.56 14.76
CA ILE C 130 15.87 -17.42 13.81
C ILE C 130 15.29 -16.14 14.42
N PHE C 131 16.13 -15.12 14.59
CA PHE C 131 15.73 -13.86 15.25
C PHE C 131 16.02 -12.71 14.33
N ARG C 132 15.08 -11.80 14.14
CA ARG C 132 15.34 -10.58 13.37
C ARG C 132 14.69 -9.35 13.97
N TYR C 133 15.46 -8.29 14.16
CA TYR C 133 14.90 -6.98 14.57
C TYR C 133 14.17 -6.31 13.40
N GLN C 134 12.99 -5.71 13.63
CA GLN C 134 12.25 -5.05 12.52
C GLN C 134 13.03 -3.90 11.95
N ASP C 135 13.68 -3.10 12.80
CA ASP C 135 14.51 -1.94 12.33
C ASP C 135 15.78 -2.25 11.52
N GLU C 136 16.11 -3.53 11.36
CA GLU C 136 17.12 -3.95 10.43
C GLU C 136 16.53 -4.48 9.11
N VAL C 137 15.23 -4.72 9.07
CA VAL C 137 14.62 -5.23 7.86
C VAL C 137 13.97 -4.07 7.10
N PHE C 138 13.19 -3.23 7.81
CA PHE C 138 12.59 -1.99 7.26
C PHE C 138 13.28 -0.71 7.74
N PRO D 6 -7.68 18.64 -31.88
CA PRO D 6 -6.45 19.35 -32.17
C PRO D 6 -5.41 19.26 -31.10
N SER D 7 -4.67 20.32 -30.95
CA SER D 7 -3.61 20.35 -29.94
C SER D 7 -4.26 20.64 -28.58
N PRO D 8 -4.17 19.68 -27.63
CA PRO D 8 -4.77 19.92 -26.32
C PRO D 8 -4.26 21.19 -25.64
N LEU D 9 -2.98 21.46 -25.80
CA LEU D 9 -2.44 22.63 -25.15
C LEU D 9 -3.14 23.86 -25.70
N LEU D 10 -3.24 23.97 -27.02
CA LEU D 10 -3.79 25.18 -27.57
C LEU D 10 -5.27 25.26 -27.27
N VAL D 11 -6.00 24.13 -27.31
CA VAL D 11 -7.45 24.13 -27.01
C VAL D 11 -7.69 24.72 -25.61
N GLY D 12 -6.99 24.17 -24.62
CA GLY D 12 -7.15 24.60 -23.23
C GLY D 12 -6.73 26.03 -22.96
N ARG D 13 -5.65 26.46 -23.63
CA ARG D 13 -5.20 27.86 -23.51
C ARG D 13 -6.26 28.81 -24.07
N GLU D 14 -6.82 28.49 -25.24
CA GLU D 14 -7.88 29.31 -25.87
C GLU D 14 -9.21 29.29 -25.12
N PHE D 15 -9.56 28.15 -24.51
CA PHE D 15 -10.80 28.10 -23.69
C PHE D 15 -10.71 28.95 -22.42
N VAL D 16 -9.54 28.95 -21.78
CA VAL D 16 -9.34 29.69 -20.53
C VAL D 16 -9.46 31.19 -20.79
N ARG D 17 -8.78 31.65 -21.84
CA ARG D 17 -8.92 33.03 -22.29
C ARG D 17 -10.39 33.37 -22.52
N GLN D 18 -11.10 32.48 -23.21
CA GLN D 18 -12.52 32.74 -23.50
C GLN D 18 -13.39 32.76 -22.26
N TYR D 19 -13.13 31.81 -21.35
CA TYR D 19 -13.91 31.68 -20.11
C TYR D 19 -13.79 32.95 -19.25
N TYR D 20 -12.56 33.40 -19.04
CA TYR D 20 -12.33 34.56 -18.19
C TYR D 20 -12.65 35.90 -18.86
N THR D 21 -12.44 36.03 -20.17
CA THR D 21 -13.04 37.12 -20.93
C THR D 21 -14.57 37.17 -20.69
N LEU D 22 -15.26 36.05 -20.92
CA LEU D 22 -16.70 35.99 -20.76
C LEU D 22 -17.15 36.23 -19.33
N LEU D 23 -16.49 35.56 -18.37
CA LEU D 23 -16.83 35.82 -16.97
C LEU D 23 -16.82 37.34 -16.67
N ASN D 24 -15.88 38.07 -17.24
CA ASN D 24 -15.83 39.54 -17.14
C ASN D 24 -16.94 40.27 -17.93
N GLN D 25 -17.03 39.98 -19.24
CA GLN D 25 -17.87 40.79 -20.14
C GLN D 25 -19.36 40.40 -20.07
N ALA D 26 -19.64 39.11 -19.95
CA ALA D 26 -21.02 38.63 -19.90
C ALA D 26 -21.22 37.36 -19.05
N PRO D 27 -21.22 37.49 -17.72
CA PRO D 27 -21.41 36.30 -16.86
C PRO D 27 -22.81 35.66 -16.96
N ASP D 28 -23.80 36.43 -17.40
CA ASP D 28 -25.13 35.87 -17.66
C ASP D 28 -25.19 34.87 -18.81
N MET D 29 -24.11 34.79 -19.60
CA MET D 29 -24.01 33.83 -20.68
C MET D 29 -22.95 32.76 -20.42
N LEU D 30 -22.34 32.77 -19.24
CA LEU D 30 -21.34 31.73 -18.93
C LEU D 30 -21.94 30.33 -19.11
N HIS D 31 -23.23 30.17 -18.76
CA HIS D 31 -23.92 28.87 -18.79
C HIS D 31 -23.95 28.19 -20.16
N ARG D 32 -23.76 28.96 -21.22
CA ARG D 32 -23.71 28.42 -22.57
C ARG D 32 -22.56 27.45 -22.85
N PHE D 33 -21.53 27.40 -21.99
CA PHE D 33 -20.38 26.49 -22.20
C PHE D 33 -20.70 25.03 -21.84
N TYR D 34 -21.84 24.81 -21.19
CA TYR D 34 -22.12 23.55 -20.52
C TYR D 34 -23.26 22.77 -21.18
N GLY D 35 -23.44 21.52 -20.78
CA GLY D 35 -24.57 20.69 -21.20
C GLY D 35 -25.25 19.98 -20.03
N LYS D 36 -26.24 19.14 -20.34
CA LYS D 36 -27.10 18.45 -19.36
C LYS D 36 -26.33 17.71 -18.26
N ASN D 37 -25.21 17.09 -18.63
CA ASN D 37 -24.37 16.35 -17.64
C ASN D 37 -23.26 17.15 -16.96
N SER D 38 -23.29 18.47 -17.03
CA SER D 38 -22.11 19.27 -16.71
C SER D 38 -22.07 19.57 -15.23
N SER D 39 -20.91 19.47 -14.60
CA SER D 39 -20.73 19.72 -13.15
C SER D 39 -20.08 21.07 -12.94
N TYR D 40 -20.62 21.87 -12.03
CA TYR D 40 -20.09 23.22 -11.76
C TYR D 40 -20.06 23.60 -10.28
N VAL D 41 -18.90 24.09 -9.81
CA VAL D 41 -18.81 24.82 -8.52
C VAL D 41 -17.87 26.00 -8.61
N HIS D 42 -18.28 27.09 -7.98
CA HIS D 42 -17.44 28.25 -7.84
C HIS D 42 -17.35 28.57 -6.36
N GLY D 43 -16.62 27.71 -5.67
CA GLY D 43 -16.26 27.88 -4.26
C GLY D 43 -17.45 27.99 -3.35
N GLY D 44 -17.34 28.87 -2.36
CA GLY D 44 -18.36 28.99 -1.34
C GLY D 44 -18.36 27.85 -0.34
N LEU D 45 -19.22 27.97 0.66
CA LEU D 45 -19.34 26.95 1.71
C LEU D 45 -20.71 26.95 2.37
N ASP D 46 -21.00 25.90 3.13
CA ASP D 46 -22.29 25.68 3.82
C ASP D 46 -22.50 26.56 5.05
N SER D 47 -23.64 26.36 5.70
CA SER D 47 -23.87 26.72 7.11
C SER D 47 -23.00 25.91 8.11
N ASN D 48 -22.63 24.67 7.75
CA ASN D 48 -21.61 23.90 8.51
C ASN D 48 -20.12 24.30 8.24
N GLY D 49 -19.88 25.32 7.40
CA GLY D 49 -18.53 25.77 7.07
C GLY D 49 -17.74 24.86 6.12
N LYS D 50 -18.41 23.89 5.50
CA LYS D 50 -17.76 22.95 4.60
C LYS D 50 -17.97 23.42 3.15
N PRO D 51 -17.02 23.12 2.26
CA PRO D 51 -17.14 23.68 0.91
C PRO D 51 -18.45 23.31 0.20
N ALA D 52 -18.96 24.21 -0.65
CA ALA D 52 -20.25 24.05 -1.31
C ALA D 52 -20.23 22.98 -2.37
N ASP D 53 -21.38 22.34 -2.56
CA ASP D 53 -21.53 21.25 -3.50
C ASP D 53 -21.65 21.78 -4.94
N ALA D 54 -21.24 20.93 -5.90
CA ALA D 54 -21.43 21.20 -7.31
C ALA D 54 -22.91 21.11 -7.67
N VAL D 55 -23.31 21.80 -8.74
CA VAL D 55 -24.61 21.66 -9.34
C VAL D 55 -24.40 21.22 -10.79
N TYR D 56 -25.46 20.71 -11.39
CA TYR D 56 -25.37 20.05 -12.72
C TYR D 56 -26.36 20.62 -13.72
N GLY D 57 -25.90 20.75 -14.95
CA GLY D 57 -26.76 21.17 -16.04
C GLY D 57 -26.77 22.66 -16.21
N GLN D 58 -27.03 23.07 -17.43
CA GLN D 58 -26.99 24.43 -17.83
C GLN D 58 -27.93 25.34 -17.04
N LYS D 59 -29.12 24.83 -16.71
CA LYS D 59 -30.14 25.60 -15.99
C LYS D 59 -29.75 25.91 -14.57
N GLU D 60 -29.31 24.89 -13.81
CA GLU D 60 -28.86 25.09 -12.43
C GLU D 60 -27.51 25.85 -12.38
N ILE D 61 -26.62 25.55 -13.32
CA ILE D 61 -25.37 26.26 -13.48
C ILE D 61 -25.66 27.75 -13.65
N HIS D 62 -26.69 28.10 -14.41
CA HIS D 62 -27.04 29.51 -14.58
C HIS D 62 -27.53 30.15 -13.28
N ARG D 63 -28.45 29.49 -12.56
CA ARG D 63 -28.97 30.03 -11.28
C ARG D 63 -27.83 30.27 -10.29
N LYS D 64 -26.84 29.38 -10.31
CA LYS D 64 -25.67 29.51 -9.47
C LYS D 64 -24.71 30.63 -9.90
N VAL D 65 -24.50 30.82 -11.20
CA VAL D 65 -23.59 31.89 -11.68
C VAL D 65 -24.09 33.28 -11.31
N MET D 66 -25.42 33.44 -11.34
CA MET D 66 -26.06 34.69 -11.03
C MET D 66 -26.09 34.99 -9.53
N SER D 67 -26.14 33.97 -8.67
CA SER D 67 -26.03 34.19 -7.20
C SER D 67 -24.64 34.69 -6.78
N GLN D 68 -23.61 34.38 -7.58
CA GLN D 68 -22.29 34.95 -7.37
C GLN D 68 -22.25 36.46 -7.70
N ASN D 69 -23.22 36.98 -8.45
CA ASN D 69 -23.28 38.41 -8.78
C ASN D 69 -21.93 38.86 -9.29
N PHE D 70 -21.46 38.21 -10.36
CA PHE D 70 -20.19 38.59 -10.99
C PHE D 70 -20.33 39.94 -11.68
N THR D 71 -19.54 40.92 -11.22
CA THR D 71 -19.49 42.24 -11.80
C THR D 71 -18.04 42.72 -11.77
N ASN D 72 -17.57 43.23 -12.91
CA ASN D 72 -16.15 43.63 -13.11
C ASN D 72 -15.15 42.55 -12.72
N CYS D 73 -15.57 41.30 -12.92
CA CYS D 73 -14.82 40.16 -12.48
C CYS D 73 -13.50 40.21 -13.19
N HIS D 74 -12.48 40.59 -12.44
CA HIS D 74 -11.12 40.68 -12.92
C HIS D 74 -10.31 39.47 -12.41
N THR D 75 -9.63 38.83 -13.35
CA THR D 75 -8.92 37.58 -13.14
C THR D 75 -7.47 37.75 -13.62
N LYS D 76 -6.50 37.24 -12.86
CA LYS D 76 -5.11 37.09 -13.33
C LYS D 76 -4.76 35.59 -13.32
N ILE D 77 -4.46 35.05 -14.50
CA ILE D 77 -4.15 33.64 -14.65
C ILE D 77 -2.66 33.50 -14.61
N ARG D 78 -2.19 32.68 -13.66
CA ARG D 78 -0.76 32.48 -13.39
C ARG D 78 -0.26 31.06 -13.76
N HIS D 79 -1.18 30.13 -14.02
CA HIS D 79 -0.82 28.81 -14.51
C HIS D 79 -2.00 28.19 -15.29
N VAL D 80 -1.66 27.59 -16.43
CA VAL D 80 -2.60 26.88 -17.28
C VAL D 80 -1.85 25.69 -17.81
N ASP D 81 -2.33 24.48 -17.56
CA ASP D 81 -1.85 23.34 -18.34
C ASP D 81 -3.03 22.58 -18.86
N ALA D 82 -2.79 21.80 -19.91
CA ALA D 82 -3.83 21.14 -20.68
C ALA D 82 -3.30 19.88 -21.33
N HIS D 83 -4.07 18.78 -21.28
CA HIS D 83 -3.57 17.49 -21.73
C HIS D 83 -4.68 16.64 -22.33
N ALA D 84 -4.30 15.84 -23.32
CA ALA D 84 -5.18 14.86 -23.89
C ALA D 84 -5.54 13.86 -22.78
N THR D 85 -6.85 13.57 -22.74
CA THR D 85 -7.44 12.67 -21.78
C THR D 85 -8.37 11.68 -22.54
N LEU D 86 -9.33 11.08 -21.86
CA LEU D 86 -10.20 10.06 -22.45
C LEU D 86 -10.98 10.66 -23.58
N ASN D 87 -11.14 9.87 -24.64
CA ASN D 87 -11.94 10.22 -25.81
C ASN D 87 -11.65 11.54 -26.46
N ASP D 88 -10.36 11.82 -26.63
CA ASP D 88 -9.90 13.04 -27.28
C ASP D 88 -10.53 14.29 -26.58
N GLY D 89 -10.73 14.16 -25.26
CA GLY D 89 -11.11 15.24 -24.39
C GLY D 89 -9.84 15.89 -23.89
N VAL D 90 -10.00 17.02 -23.22
CA VAL D 90 -8.86 17.81 -22.73
C VAL D 90 -9.10 18.22 -21.27
N VAL D 91 -8.20 17.82 -20.39
CA VAL D 91 -8.25 18.25 -18.96
C VAL D 91 -7.37 19.49 -18.78
N VAL D 92 -7.89 20.49 -18.09
CA VAL D 92 -7.19 21.76 -17.93
C VAL D 92 -7.06 22.07 -16.45
N GLN D 93 -5.84 22.31 -16.00
CA GLN D 93 -5.58 22.78 -14.66
C GLN D 93 -5.23 24.26 -14.73
N VAL D 94 -5.76 25.03 -13.78
CA VAL D 94 -5.64 26.49 -13.79
C VAL D 94 -5.42 26.96 -12.36
N MET D 95 -4.43 27.83 -12.17
CA MET D 95 -4.33 28.60 -10.95
C MET D 95 -4.18 30.05 -11.32
N GLY D 96 -4.69 30.89 -10.45
CA GLY D 96 -4.66 32.30 -10.70
C GLY D 96 -5.28 33.03 -9.55
N LEU D 97 -5.61 34.28 -9.81
CA LEU D 97 -6.18 35.20 -8.82
C LEU D 97 -7.48 35.77 -9.38
N LEU D 98 -8.49 35.95 -8.53
CA LEU D 98 -9.79 36.52 -8.94
C LEU D 98 -10.24 37.59 -7.97
N SER D 99 -10.69 38.71 -8.53
CA SER D 99 -11.41 39.75 -7.79
C SER D 99 -12.75 39.94 -8.48
N ASN D 100 -13.84 39.69 -7.75
CA ASN D 100 -15.15 40.11 -8.17
C ASN D 100 -15.60 41.41 -7.53
N ASN D 101 -16.23 42.29 -8.31
CA ASN D 101 -16.81 43.52 -7.80
C ASN D 101 -15.79 44.42 -7.07
N ASN D 102 -14.53 44.38 -7.55
CA ASN D 102 -13.41 45.09 -6.91
C ASN D 102 -13.20 44.74 -5.46
N GLN D 103 -13.51 43.49 -5.10
CA GLN D 103 -13.31 42.99 -3.75
C GLN D 103 -11.89 42.39 -3.69
N ALA D 104 -11.58 41.67 -2.62
CA ALA D 104 -10.32 40.95 -2.46
C ALA D 104 -9.82 40.21 -3.71
N LEU D 105 -8.53 40.40 -4.04
CA LEU D 105 -7.76 39.51 -4.93
C LEU D 105 -7.43 38.17 -4.25
N ARG D 106 -8.07 37.08 -4.71
CA ARG D 106 -8.02 35.76 -4.02
C ARG D 106 -7.46 34.67 -4.91
N ARG D 107 -6.75 33.73 -4.33
CA ARG D 107 -6.15 32.64 -5.09
C ARG D 107 -7.14 31.48 -5.25
N PHE D 108 -7.11 30.85 -6.42
CA PHE D 108 -7.96 29.73 -6.72
C PHE D 108 -7.21 28.66 -7.43
N MET D 109 -7.74 27.46 -7.30
CA MET D 109 -7.26 26.29 -7.98
C MET D 109 -8.48 25.76 -8.73
N GLN D 110 -8.31 25.51 -10.02
CA GLN D 110 -9.36 25.09 -10.90
C GLN D 110 -8.95 23.95 -11.85
N THR D 111 -9.92 23.08 -12.14
CA THR D 111 -9.77 22.02 -13.11
C THR D 111 -10.94 22.12 -14.06
N PHE D 112 -10.68 21.96 -15.35
CA PHE D 112 -11.76 21.80 -16.35
C PHE D 112 -11.63 20.49 -17.08
N VAL D 113 -12.75 19.92 -17.49
CA VAL D 113 -12.71 18.86 -18.53
C VAL D 113 -13.53 19.33 -19.72
N LEU D 114 -12.86 19.53 -20.85
CA LEU D 114 -13.52 19.84 -22.13
C LEU D 114 -13.71 18.53 -22.95
N ALA D 115 -14.95 18.30 -23.38
CA ALA D 115 -15.30 17.06 -24.13
C ALA D 115 -15.79 17.48 -25.50
N PRO D 116 -15.40 16.73 -26.57
CA PRO D 116 -15.88 17.05 -27.93
C PRO D 116 -17.40 16.89 -28.03
N GLU D 117 -18.07 17.84 -28.65
CA GLU D 117 -19.51 17.82 -28.69
C GLU D 117 -20.02 16.73 -29.67
N GLY D 118 -19.12 16.30 -30.57
CA GLY D 118 -19.39 15.25 -31.55
C GLY D 118 -19.68 15.78 -32.97
N SER D 119 -20.34 16.94 -33.08
CA SER D 119 -20.88 17.41 -34.38
C SER D 119 -19.83 17.83 -35.40
N VAL D 120 -18.88 18.64 -34.97
CA VAL D 120 -17.85 19.18 -35.85
C VAL D 120 -16.48 18.95 -35.24
N ALA D 121 -15.47 18.94 -36.09
CA ALA D 121 -14.11 19.08 -35.62
C ALA D 121 -14.05 20.37 -34.80
N ASN D 122 -13.26 20.36 -33.75
CA ASN D 122 -12.98 21.54 -32.92
C ASN D 122 -14.16 22.15 -32.12
N LYS D 123 -15.28 21.40 -31.95
CA LYS D 123 -16.39 21.85 -31.09
C LYS D 123 -16.49 21.06 -29.75
N PHE D 124 -16.33 21.77 -28.64
CA PHE D 124 -16.31 21.19 -27.29
C PHE D 124 -17.35 21.84 -26.38
N TYR D 125 -17.63 21.17 -25.28
CA TYR D 125 -18.40 21.72 -24.15
C TYR D 125 -17.66 21.39 -22.83
N VAL D 126 -18.00 22.09 -21.77
CA VAL D 126 -17.36 21.92 -20.49
C VAL D 126 -18.14 20.85 -19.80
N HIS D 127 -17.53 19.65 -19.67
CA HIS D 127 -18.18 18.55 -18.98
C HIS D 127 -18.08 18.75 -17.48
N ASN D 128 -16.93 19.26 -17.03
CA ASN D 128 -16.68 19.61 -15.62
C ASN D 128 -15.93 20.92 -15.42
N ASP D 129 -16.40 21.70 -14.47
CA ASP D 129 -15.76 22.93 -14.02
C ASP D 129 -15.63 22.92 -12.48
N ILE D 130 -14.43 22.70 -12.00
CA ILE D 130 -14.18 22.68 -10.55
C ILE D 130 -13.28 23.85 -10.12
N PHE D 131 -13.87 24.83 -9.46
CA PHE D 131 -13.12 26.01 -9.00
C PHE D 131 -13.18 26.01 -7.49
N ARG D 132 -12.07 26.22 -6.82
CA ARG D 132 -12.12 26.47 -5.35
C ARG D 132 -11.20 27.62 -5.02
N TYR D 133 -11.60 28.51 -4.12
CA TYR D 133 -10.68 29.53 -3.59
C TYR D 133 -9.88 28.88 -2.51
N GLN D 134 -8.58 29.15 -2.47
CA GLN D 134 -7.68 28.60 -1.43
C GLN D 134 -8.00 29.03 -0.01
N ASP D 135 -8.46 30.25 0.15
CA ASP D 135 -8.84 30.77 1.49
C ASP D 135 -10.04 30.06 2.16
N GLU D 136 -10.92 29.46 1.36
CA GLU D 136 -12.04 28.69 1.88
C GLU D 136 -11.60 27.25 2.25
N VAL D 137 -10.55 26.73 1.62
CA VAL D 137 -10.19 25.32 1.79
C VAL D 137 -9.00 25.20 2.73
N PHE D 138 -7.95 25.94 2.51
CA PHE D 138 -6.82 25.93 3.36
C PHE D 138 -7.05 26.87 4.53
N PRO E 1 12.73 -27.49 -10.75
CA PRO E 1 12.05 -28.36 -9.79
C PRO E 1 11.25 -27.56 -8.75
N TYR E 2 10.93 -28.18 -7.62
CA TYR E 2 10.18 -27.56 -6.51
C TYR E 2 8.76 -27.16 -6.91
N ASN E 3 7.81 -28.03 -6.57
CA ASN E 3 6.37 -27.78 -6.76
C ASN E 3 5.69 -27.75 -5.37
N PHE E 4 4.69 -26.89 -5.21
CA PHE E 4 4.00 -26.69 -3.92
C PHE E 4 2.49 -26.91 -3.94
N ILE E 5 1.93 -27.19 -5.12
CA ILE E 5 0.50 -27.20 -5.33
C ILE E 5 0.00 -28.65 -5.32
N GLN E 6 -1.01 -28.90 -4.50
CA GLN E 6 -1.59 -30.24 -4.31
C GLN E 6 -2.91 -30.29 -5.02
N ASP E 7 -3.40 -31.51 -5.25
CA ASP E 7 -4.77 -31.68 -5.74
C ASP E 7 -5.70 -31.03 -4.73
N SER E 8 -6.73 -30.36 -5.23
CA SER E 8 -7.74 -29.73 -4.37
C SER E 8 -8.61 -30.82 -3.75
N MET E 9 -8.73 -30.78 -2.42
CA MET E 9 -9.46 -31.78 -1.67
C MET E 9 -10.84 -31.23 -1.28
N LEU E 10 -11.50 -30.54 -2.21
CA LEU E 10 -12.79 -29.88 -1.94
C LEU E 10 -13.92 -30.62 -2.66
N PRO F 1 6.53 -32.07 32.43
CA PRO F 1 6.95 -30.69 32.76
C PRO F 1 7.84 -30.03 31.71
N TYR F 2 8.60 -30.86 30.98
CA TYR F 2 9.37 -30.49 29.77
C TYR F 2 10.80 -30.13 30.10
N ASN F 3 11.72 -30.69 29.33
CA ASN F 3 13.13 -30.39 29.45
C ASN F 3 13.69 -29.98 28.09
N PHE F 4 14.29 -28.79 28.06
CA PHE F 4 14.89 -28.21 26.85
C PHE F 4 16.41 -28.13 26.89
N ILE F 5 17.02 -28.63 27.95
CA ILE F 5 18.45 -28.50 28.14
C ILE F 5 19.26 -29.78 27.79
N GLN F 6 20.42 -29.60 27.16
CA GLN F 6 21.29 -30.68 26.70
C GLN F 6 22.62 -30.46 27.38
N ASP F 7 23.53 -31.41 27.22
CA ASP F 7 24.84 -31.36 27.86
C ASP F 7 25.71 -30.37 27.09
N SER F 8 26.81 -29.90 27.68
CA SER F 8 27.77 -29.06 26.94
C SER F 8 28.37 -29.81 25.78
N MET F 9 28.51 -29.13 24.64
CA MET F 9 28.93 -29.71 23.34
C MET F 9 28.15 -30.99 22.96
N PRO G 1 -9.64 28.76 -35.05
CA PRO G 1 -10.93 28.16 -34.76
C PRO G 1 -11.12 27.90 -33.24
N TYR G 2 -12.08 27.01 -32.92
CA TYR G 2 -12.40 26.46 -31.57
C TYR G 2 -13.72 27.09 -31.11
N ASN G 3 -14.80 26.34 -31.24
CA ASN G 3 -16.08 26.69 -30.66
C ASN G 3 -16.25 25.97 -29.30
N PHE G 4 -16.62 26.72 -28.27
CA PHE G 4 -16.92 26.21 -26.93
C PHE G 4 -18.38 26.42 -26.50
N ILE G 5 -19.19 27.02 -27.37
CA ILE G 5 -20.50 27.55 -27.02
C ILE G 5 -21.61 26.66 -27.54
N GLN G 6 -22.67 26.55 -26.75
CA GLN G 6 -23.73 25.58 -26.97
C GLN G 6 -24.99 26.36 -27.06
N ASP G 7 -26.04 25.73 -27.57
CA ASP G 7 -27.34 26.33 -27.59
C ASP G 7 -27.90 26.47 -26.15
N SER G 8 -28.81 27.43 -25.99
CA SER G 8 -29.40 27.77 -24.71
C SER G 8 -30.28 26.60 -24.28
N MET G 9 -30.13 26.19 -23.02
CA MET G 9 -30.44 24.83 -22.50
C MET G 9 -30.00 23.65 -23.40
#